data_6EY1
#
_entry.id   6EY1
#
_cell.length_a   40.579
_cell.length_b   59.413
_cell.length_c   51.202
_cell.angle_alpha   90.000
_cell.angle_beta   100.740
_cell.angle_gamma   90.000
#
_symmetry.space_group_name_H-M   'P 1 21 1'
#
loop_
_entity.id
_entity.type
_entity.pdbx_description
1 polymer 'HIF prolyl hydroxylase'
2 non-polymer 'ACETATE ION'
3 non-polymer GLYCEROL
4 non-polymer 'MANGANESE (II) ION'
5 water water
#
_entity_poly.entity_id   1
_entity_poly.type   'polypeptide(L)'
_entity_poly.pdbx_seq_one_letter_code
;MGSSHHHHHHSSGLVPRGSHMDERRPKIGCDKTGLALEKTWQLQKNERLSNMVVNQLNTNGFCIINNFLGSSCSTEVLQQ
VLNLYQSGVFSNGQLARNVSVNRIRGDKIAWIGGDERGCEAIKYLSSCVDSLISRCNGRLGNYMITGRTKCMVACYPGSG
LGYIRHIDNPNRDGRCVTVLYYLNPNWNSQDCGGQLWLYPNNENKVVKIDPIFDRLLLFWSDRRNPHEVKPAYAMRYAIT
LWYFDEKERALSSQNGT
;
_entity_poly.pdbx_strand_id   A
#
loop_
_chem_comp.id
_chem_comp.type
_chem_comp.name
_chem_comp.formula
ACT non-polymer 'ACETATE ION' 'C2 H3 O2 -1'
GOL non-polymer GLYCEROL 'C3 H8 O3'
MN non-polymer 'MANGANESE (II) ION' 'Mn 2'
#
# COMPACT_ATOMS: atom_id res chain seq x y z
N CYS A 30 -12.81 14.82 6.94
CA CYS A 30 -11.96 14.49 5.80
C CYS A 30 -12.52 15.06 4.50
N ASP A 31 -11.85 16.08 3.95
CA ASP A 31 -12.27 16.73 2.70
C ASP A 31 -11.87 15.86 1.52
N LYS A 32 -12.65 14.82 1.28
CA LYS A 32 -12.41 13.94 0.13
C LYS A 32 -12.72 14.71 -1.15
N LEU A 35 -7.80 17.68 -2.27
CA LEU A 35 -6.87 17.19 -3.27
C LEU A 35 -7.10 17.92 -4.59
N ALA A 36 -8.30 18.46 -4.75
CA ALA A 36 -8.60 19.26 -5.94
C ALA A 36 -8.05 20.67 -5.80
N LEU A 37 -8.21 21.28 -4.63
CA LEU A 37 -7.81 22.66 -4.36
C LEU A 37 -6.90 22.72 -3.14
N GLU A 38 -5.75 22.06 -3.23
CA GLU A 38 -4.87 22.04 -2.09
C GLU A 38 -4.17 23.39 -1.94
N LYS A 39 -3.82 23.71 -0.71
CA LYS A 39 -3.09 24.93 -0.42
C LYS A 39 -1.65 24.80 -0.88
N THR A 40 -1.00 25.95 -1.06
N THR A 40 -1.02 25.95 -1.09
CA THR A 40 0.40 25.93 -1.47
CA THR A 40 0.39 25.98 -1.45
C THR A 40 1.27 25.20 -0.46
C THR A 40 1.23 25.19 -0.47
N TRP A 41 0.97 25.31 0.84
CA TRP A 41 1.78 24.56 1.81
C TRP A 41 1.61 23.05 1.61
N GLN A 42 0.42 22.61 1.22
N GLN A 42 0.44 22.61 1.20
CA GLN A 42 0.20 21.20 0.93
CA GLN A 42 0.22 21.19 0.95
C GLN A 42 0.92 20.75 -0.33
C GLN A 42 0.91 20.74 -0.34
N LEU A 43 0.89 21.58 -1.37
CA LEU A 43 1.67 21.27 -2.57
C LEU A 43 3.15 21.10 -2.23
N GLN A 44 3.70 22.00 -1.41
CA GLN A 44 5.13 21.90 -1.08
C GLN A 44 5.41 20.65 -0.26
N LYS A 45 4.52 20.31 0.68
CA LYS A 45 4.66 19.04 1.39
C LYS A 45 4.61 17.85 0.44
N ASN A 46 3.68 17.87 -0.50
CA ASN A 46 3.55 16.80 -1.46
C ASN A 46 4.79 16.65 -2.33
N GLU A 47 5.45 17.75 -2.67
CA GLU A 47 6.71 17.66 -3.40
C GLU A 47 7.82 17.04 -2.54
N ARG A 48 7.88 17.40 -1.25
CA ARG A 48 8.83 16.74 -0.36
C ARG A 48 8.59 15.24 -0.30
N LEU A 49 7.31 14.84 -0.26
CA LEU A 49 6.99 13.42 -0.19
C LEU A 49 7.47 12.69 -1.45
N SER A 50 7.18 13.24 -2.62
N SER A 50 7.17 13.25 -2.61
CA SER A 50 7.59 12.55 -3.84
CA SER A 50 7.58 12.59 -3.85
C SER A 50 9.11 12.53 -3.98
C SER A 50 9.09 12.60 -4.02
N ASN A 51 9.80 13.62 -3.63
N ASN A 51 9.75 13.66 -3.57
CA ASN A 51 11.25 13.59 -3.69
CA ASN A 51 11.22 13.69 -3.62
C ASN A 51 11.82 12.53 -2.75
C ASN A 51 11.82 12.63 -2.72
N MET A 52 11.23 12.41 -1.55
CA MET A 52 11.68 11.37 -0.63
C MET A 52 11.43 9.98 -1.21
N VAL A 53 10.26 9.75 -1.80
CA VAL A 53 9.97 8.46 -2.40
C VAL A 53 10.99 8.13 -3.49
N VAL A 54 11.24 9.09 -4.38
CA VAL A 54 12.19 8.85 -5.46
C VAL A 54 13.55 8.49 -4.88
N ASN A 55 14.04 9.29 -3.93
CA ASN A 55 15.37 9.05 -3.42
C ASN A 55 15.47 7.73 -2.65
N GLN A 56 14.46 7.43 -1.83
CA GLN A 56 14.50 6.22 -1.03
C GLN A 56 14.29 4.97 -1.88
N LEU A 57 13.35 5.00 -2.85
CA LEU A 57 13.23 3.83 -3.74
C LEU A 57 14.51 3.61 -4.53
N ASN A 58 15.09 4.67 -5.08
CA ASN A 58 16.23 4.48 -5.96
C ASN A 58 17.43 4.03 -5.16
N THR A 59 17.56 4.48 -3.93
CA THR A 59 18.72 4.23 -3.08
C THR A 59 18.57 2.92 -2.32
N ASN A 60 17.40 2.68 -1.71
CA ASN A 60 17.21 1.56 -0.80
C ASN A 60 16.16 0.53 -1.23
N GLY A 61 15.36 0.84 -2.23
CA GLY A 61 14.39 -0.08 -2.76
C GLY A 61 13.06 -0.07 -2.05
N PHE A 62 12.90 0.76 -1.00
CA PHE A 62 11.64 0.86 -0.27
C PHE A 62 11.60 2.24 0.40
N CYS A 63 10.38 2.67 0.73
CA CYS A 63 10.18 3.95 1.36
C CYS A 63 8.97 3.87 2.29
N ILE A 64 9.12 4.35 3.52
CA ILE A 64 8.04 4.48 4.49
C ILE A 64 7.64 5.95 4.60
N ILE A 65 6.33 6.22 4.55
CA ILE A 65 5.74 7.52 4.88
C ILE A 65 4.81 7.30 6.06
N ASN A 66 5.15 7.90 7.19
CA ASN A 66 4.30 7.88 8.36
C ASN A 66 3.24 8.97 8.26
N ASN A 67 2.04 8.69 8.82
CA ASN A 67 0.97 9.69 8.90
C ASN A 67 0.63 10.25 7.53
N PHE A 68 0.37 9.35 6.57
CA PHE A 68 0.17 9.76 5.18
C PHE A 68 -1.08 10.63 4.97
N LEU A 69 -2.24 10.17 5.44
CA LEU A 69 -3.50 10.90 5.24
C LEU A 69 -3.96 11.74 6.43
N GLY A 70 -3.41 11.51 7.60
CA GLY A 70 -3.91 12.11 8.82
C GLY A 70 -5.00 11.28 9.49
N SER A 71 -5.22 11.50 10.80
CA SER A 71 -6.04 10.55 11.57
C SER A 71 -7.51 10.57 11.14
N SER A 72 -8.05 11.76 10.87
CA SER A 72 -9.47 11.84 10.51
C SER A 72 -9.76 11.06 9.24
N CYS A 73 -8.95 11.30 8.21
CA CYS A 73 -9.17 10.61 6.94
CA CYS A 73 -9.17 10.61 6.95
C CYS A 73 -8.83 9.13 7.05
N SER A 74 -7.74 8.78 7.73
CA SER A 74 -7.41 7.38 7.92
C SER A 74 -8.51 6.62 8.65
N THR A 75 -9.10 7.24 9.66
CA THR A 75 -10.23 6.64 10.40
C THR A 75 -11.38 6.36 9.46
N GLU A 76 -11.68 7.28 8.53
CA GLU A 76 -12.76 7.05 7.58
CA GLU A 76 -12.77 7.04 7.60
C GLU A 76 -12.43 5.89 6.66
N VAL A 77 -11.17 5.79 6.22
CA VAL A 77 -10.78 4.63 5.41
C VAL A 77 -10.99 3.35 6.21
N LEU A 78 -10.52 3.32 7.46
CA LEU A 78 -10.69 2.12 8.27
C LEU A 78 -12.16 1.77 8.46
N GLN A 79 -13.00 2.77 8.76
CA GLN A 79 -14.43 2.52 8.95
CA GLN A 79 -14.41 2.49 8.95
C GLN A 79 -15.04 1.88 7.70
N GLN A 80 -14.66 2.38 6.52
CA GLN A 80 -15.22 1.83 5.30
C GLN A 80 -14.71 0.42 5.04
N VAL A 81 -13.44 0.15 5.37
CA VAL A 81 -12.92 -1.22 5.25
C VAL A 81 -13.67 -2.18 6.16
N LEU A 82 -13.93 -1.77 7.40
N LEU A 82 -13.91 -1.77 7.42
CA LEU A 82 -14.66 -2.64 8.33
CA LEU A 82 -14.66 -2.61 8.35
C LEU A 82 -16.09 -2.87 7.85
C LEU A 82 -16.09 -2.87 7.86
N ASN A 83 -16.73 -1.84 7.30
CA ASN A 83 -18.08 -2.02 6.77
C ASN A 83 -18.08 -3.03 5.63
N LEU A 84 -17.10 -2.93 4.73
CA LEU A 84 -16.98 -3.91 3.66
C LEU A 84 -16.82 -5.30 4.23
N TYR A 85 -15.95 -5.43 5.25
CA TYR A 85 -15.66 -6.74 5.81
C TYR A 85 -16.89 -7.33 6.47
N GLN A 86 -17.63 -6.51 7.20
CA GLN A 86 -18.85 -6.98 7.86
C GLN A 86 -19.92 -7.36 6.86
N SER A 87 -19.90 -6.78 5.66
CA SER A 87 -20.90 -7.10 4.65
CA SER A 87 -20.90 -7.10 4.65
C SER A 87 -20.67 -8.45 3.98
N GLY A 88 -19.54 -9.11 4.26
CA GLY A 88 -19.28 -10.43 3.72
C GLY A 88 -18.67 -10.48 2.33
N VAL A 89 -18.21 -9.34 1.79
CA VAL A 89 -17.69 -9.33 0.42
C VAL A 89 -16.26 -9.83 0.30
N PHE A 90 -15.55 -10.04 1.41
CA PHE A 90 -14.19 -10.55 1.28
C PHE A 90 -14.19 -12.03 0.93
N SER A 91 -13.12 -12.47 0.27
CA SER A 91 -12.98 -13.85 -0.17
C SER A 91 -11.54 -14.29 0.03
N ASN A 92 -11.34 -15.60 0.15
CA ASN A 92 -10.00 -16.10 0.45
C ASN A 92 -8.98 -15.60 -0.58
N GLY A 93 -7.87 -15.08 -0.06
CA GLY A 93 -6.80 -14.59 -0.91
C GLY A 93 -6.06 -15.70 -1.63
N ILE A 104 -0.34 -21.03 2.35
CA ILE A 104 0.66 -20.11 1.82
C ILE A 104 0.32 -18.70 2.29
N ARG A 105 -0.89 -18.25 1.98
CA ARG A 105 -1.35 -16.93 2.40
C ARG A 105 -2.68 -17.05 3.12
N GLY A 106 -2.80 -16.33 4.23
CA GLY A 106 -3.94 -16.44 5.12
C GLY A 106 -4.85 -15.23 5.09
N ASP A 107 -4.78 -14.41 4.07
CA ASP A 107 -5.59 -13.19 4.01
C ASP A 107 -6.93 -13.47 3.34
N LYS A 108 -7.87 -12.60 3.64
CA LYS A 108 -9.12 -12.47 2.93
C LYS A 108 -9.08 -11.11 2.24
N ILE A 109 -9.55 -11.05 0.99
CA ILE A 109 -9.38 -9.84 0.19
C ILE A 109 -10.68 -9.42 -0.50
N ALA A 110 -10.72 -8.14 -0.85
CA ALA A 110 -11.76 -7.57 -1.69
C ALA A 110 -11.12 -6.54 -2.59
N TRP A 111 -11.42 -6.58 -3.87
CA TRP A 111 -10.91 -5.60 -4.81
C TRP A 111 -11.88 -4.45 -4.92
N ILE A 112 -11.39 -3.23 -4.71
CA ILE A 112 -12.20 -2.02 -4.68
C ILE A 112 -11.63 -1.05 -5.70
N GLY A 113 -12.43 -0.69 -6.70
CA GLY A 113 -11.98 0.28 -7.67
C GLY A 113 -12.10 1.70 -7.19
N GLY A 114 -13.04 1.98 -6.31
CA GLY A 114 -13.22 3.29 -5.71
C GLY A 114 -14.58 3.90 -5.94
N ASP A 115 -15.35 3.40 -6.90
CA ASP A 115 -16.68 3.94 -7.18
CA ASP A 115 -16.67 3.93 -7.20
C ASP A 115 -17.79 3.14 -6.54
N GLU A 116 -17.44 2.16 -5.70
CA GLU A 116 -18.43 1.36 -5.00
C GLU A 116 -19.10 2.18 -3.89
N ARG A 117 -20.36 1.85 -3.62
CA ARG A 117 -21.05 2.49 -2.52
C ARG A 117 -20.26 2.35 -1.22
N GLY A 118 -20.21 3.44 -0.47
CA GLY A 118 -19.55 3.42 0.82
C GLY A 118 -18.05 3.31 0.78
N CYS A 119 -17.42 3.65 -0.35
CA CYS A 119 -15.97 3.51 -0.51
C CYS A 119 -15.28 4.82 -0.87
N GLU A 120 -15.95 5.97 -0.64
CA GLU A 120 -15.38 7.25 -1.04
C GLU A 120 -14.04 7.55 -0.36
N ALA A 121 -13.83 7.07 0.86
CA ALA A 121 -12.54 7.31 1.53
C ALA A 121 -11.43 6.45 0.92
N ILE A 122 -11.77 5.21 0.55
CA ILE A 122 -10.83 4.36 -0.19
C ILE A 122 -10.47 5.00 -1.51
N LYS A 123 -11.48 5.54 -2.21
CA LYS A 123 -11.20 6.28 -3.43
C LYS A 123 -10.24 7.43 -3.17
N TYR A 124 -10.49 8.19 -2.09
CA TYR A 124 -9.63 9.32 -1.74
C TYR A 124 -8.18 8.85 -1.53
N LEU A 125 -8.00 7.77 -0.75
CA LEU A 125 -6.67 7.19 -0.59
C LEU A 125 -6.03 6.93 -1.95
N SER A 126 -6.76 6.25 -2.84
CA SER A 126 -6.18 5.90 -4.13
CA SER A 126 -6.21 5.89 -4.15
C SER A 126 -5.81 7.14 -4.94
N SER A 127 -6.62 8.19 -4.86
N SER A 127 -6.61 8.20 -4.85
CA SER A 127 -6.29 9.44 -5.55
CA SER A 127 -6.27 9.43 -5.56
C SER A 127 -5.02 10.06 -5.00
C SER A 127 -5.02 10.07 -4.99
N CYS A 128 -4.83 9.99 -3.67
CA CYS A 128 -3.62 10.53 -3.05
C CYS A 128 -2.38 9.74 -3.48
N VAL A 129 -2.47 8.41 -3.49
CA VAL A 129 -1.33 7.60 -3.94
C VAL A 129 -1.07 7.84 -5.41
N ASP A 130 -2.14 7.92 -6.23
CA ASP A 130 -1.94 8.18 -7.65
C ASP A 130 -1.19 9.48 -7.87
N SER A 131 -1.57 10.54 -7.14
CA SER A 131 -0.89 11.82 -7.29
CA SER A 131 -0.89 11.81 -7.30
C SER A 131 0.57 11.73 -6.87
N LEU A 132 0.85 11.02 -5.77
CA LEU A 132 2.22 10.81 -5.32
C LEU A 132 3.05 10.13 -6.42
N ILE A 133 2.53 9.03 -6.97
CA ILE A 133 3.23 8.31 -8.02
C ILE A 133 3.39 9.18 -9.25
N SER A 134 2.36 9.93 -9.63
CA SER A 134 2.43 10.78 -10.81
CA SER A 134 2.45 10.77 -10.81
C SER A 134 3.58 11.77 -10.69
N ARG A 135 3.80 12.31 -9.50
CA ARG A 135 4.92 13.23 -9.28
C ARG A 135 6.27 12.55 -9.41
N CYS A 136 6.34 11.23 -9.23
CA CYS A 136 7.57 10.45 -9.33
C CYS A 136 7.82 9.85 -10.73
N ASN A 137 6.78 9.66 -11.52
CA ASN A 137 6.96 8.97 -12.80
C ASN A 137 7.99 9.71 -13.65
N GLY A 138 8.84 8.94 -14.31
CA GLY A 138 9.99 9.48 -14.99
C GLY A 138 11.24 9.46 -14.14
N ARG A 139 11.09 9.31 -12.82
CA ARG A 139 12.22 9.28 -11.91
C ARG A 139 12.38 7.95 -11.21
N LEU A 140 11.48 7.00 -11.45
CA LEU A 140 11.49 5.68 -10.79
C LEU A 140 12.04 4.67 -11.78
N GLY A 141 13.35 4.41 -11.70
CA GLY A 141 13.94 3.51 -12.67
C GLY A 141 13.68 3.98 -14.08
N ASN A 142 13.46 3.01 -14.98
CA ASN A 142 13.07 3.28 -16.36
C ASN A 142 11.58 3.03 -16.57
N TYR A 143 10.84 2.91 -15.49
CA TYR A 143 9.47 2.46 -15.59
C TYR A 143 8.58 3.58 -16.13
N MET A 144 7.59 3.20 -16.92
CA MET A 144 6.56 4.15 -17.38
CA MET A 144 6.56 4.13 -17.43
C MET A 144 5.28 3.81 -16.67
N ILE A 145 4.96 4.59 -15.67
CA ILE A 145 3.89 4.24 -14.77
C ILE A 145 2.67 5.06 -15.16
N THR A 146 1.70 4.42 -15.82
CA THR A 146 0.47 5.09 -16.22
C THR A 146 -0.79 4.37 -15.73
N GLY A 147 -0.66 3.33 -14.93
CA GLY A 147 -1.84 2.61 -14.48
C GLY A 147 -1.50 1.76 -13.29
N ARG A 148 -2.53 1.18 -12.70
CA ARG A 148 -2.38 0.36 -11.50
C ARG A 148 -3.54 -0.61 -11.42
N THR A 149 -3.40 -1.54 -10.48
CA THR A 149 -4.52 -2.39 -10.11
C THR A 149 -5.60 -1.58 -9.37
N LYS A 150 -6.75 -2.21 -9.20
CA LYS A 150 -7.69 -1.76 -8.18
C LYS A 150 -7.01 -1.87 -6.80
N CYS A 151 -7.68 -1.31 -5.78
CA CYS A 151 -7.21 -1.47 -4.40
C CYS A 151 -7.51 -2.87 -3.91
N MET A 152 -6.51 -3.55 -3.39
CA MET A 152 -6.70 -4.87 -2.79
C MET A 152 -6.83 -4.63 -1.29
N VAL A 153 -8.04 -4.63 -0.78
CA VAL A 153 -8.30 -4.53 0.64
C VAL A 153 -8.10 -5.90 1.24
N ALA A 154 -7.31 -6.00 2.30
CA ALA A 154 -6.95 -7.29 2.87
C ALA A 154 -7.08 -7.29 4.38
N CYS A 155 -7.52 -8.43 4.88
CA CYS A 155 -7.51 -8.73 6.29
C CYS A 155 -6.83 -10.07 6.51
N TYR A 156 -5.84 -10.10 7.40
CA TYR A 156 -5.37 -11.35 8.02
C TYR A 156 -6.15 -11.46 9.32
N PRO A 157 -7.14 -12.38 9.42
CA PRO A 157 -8.09 -12.30 10.54
C PRO A 157 -7.56 -12.98 11.80
N GLY A 158 -6.46 -12.47 12.31
CA GLY A 158 -5.84 -13.03 13.51
C GLY A 158 -5.50 -14.50 13.32
N SER A 159 -5.63 -15.25 14.40
CA SER A 159 -5.55 -16.71 14.35
CA SER A 159 -5.55 -16.72 14.38
C SER A 159 -4.20 -17.24 13.90
N GLY A 160 -3.15 -16.44 14.07
CA GLY A 160 -1.84 -16.85 13.61
C GLY A 160 -1.61 -16.83 12.12
N LEU A 161 -2.45 -16.15 11.35
CA LEU A 161 -2.35 -16.19 9.91
C LEU A 161 -1.36 -15.13 9.39
N GLY A 162 -0.71 -15.43 8.29
CA GLY A 162 0.24 -14.53 7.64
C GLY A 162 0.45 -14.93 6.20
N TYR A 163 1.60 -14.57 5.65
CA TYR A 163 1.96 -14.89 4.27
C TYR A 163 3.46 -15.15 4.24
N ILE A 164 3.85 -16.36 3.87
CA ILE A 164 5.25 -16.75 3.84
C ILE A 164 6.06 -15.87 2.90
N ARG A 165 7.40 -15.94 3.02
N ARG A 165 7.39 -15.95 3.02
CA ARG A 165 8.27 -15.12 2.20
CA ARG A 165 8.28 -15.15 2.18
C ARG A 165 7.99 -15.36 0.72
C ARG A 165 7.97 -15.37 0.71
N HIS A 166 7.80 -14.27 0.00
CA HIS A 166 7.47 -14.32 -1.42
C HIS A 166 7.96 -13.04 -2.09
N ILE A 167 7.94 -13.08 -3.43
CA ILE A 167 8.17 -11.94 -4.31
C ILE A 167 6.84 -11.61 -4.99
N ASP A 168 6.43 -10.34 -4.99
CA ASP A 168 5.15 -10.00 -5.60
C ASP A 168 5.15 -10.29 -7.08
N ASN A 169 6.18 -9.85 -7.78
CA ASN A 169 6.26 -9.98 -9.23
C ASN A 169 7.56 -10.68 -9.59
N PRO A 170 7.55 -12.02 -9.57
CA PRO A 170 8.75 -12.79 -9.88
C PRO A 170 8.89 -13.13 -11.35
N ASN A 171 7.89 -12.84 -12.16
CA ASN A 171 7.81 -13.39 -13.51
C ASN A 171 7.38 -12.33 -14.50
N ARG A 172 7.82 -11.07 -14.32
CA ARG A 172 7.57 -10.00 -15.29
C ARG A 172 6.08 -9.87 -15.58
N ASP A 173 5.28 -9.75 -14.50
CA ASP A 173 3.81 -9.69 -14.60
C ASP A 173 3.27 -8.27 -14.77
N GLY A 174 4.16 -7.28 -14.88
CA GLY A 174 3.78 -5.91 -15.12
C GLY A 174 3.83 -4.99 -13.90
N ARG A 175 3.82 -5.55 -12.71
CA ARG A 175 3.76 -4.76 -11.48
C ARG A 175 5.15 -4.31 -11.08
N CYS A 176 5.37 -3.00 -11.00
CA CYS A 176 6.70 -2.49 -10.68
C CYS A 176 6.86 -1.89 -9.29
N VAL A 177 5.81 -1.28 -8.74
CA VAL A 177 5.85 -0.71 -7.39
C VAL A 177 4.66 -1.26 -6.60
N THR A 178 4.94 -1.82 -5.44
CA THR A 178 3.93 -2.21 -4.45
C THR A 178 3.74 -1.09 -3.46
N VAL A 179 2.49 -0.72 -3.21
CA VAL A 179 2.15 0.28 -2.20
C VAL A 179 1.20 -0.36 -1.18
N LEU A 180 1.60 -0.33 0.08
CA LEU A 180 0.78 -0.76 1.20
C LEU A 180 0.35 0.44 2.03
N TYR A 181 -0.93 0.46 2.41
CA TYR A 181 -1.47 1.44 3.33
C TYR A 181 -2.05 0.70 4.53
N TYR A 182 -1.46 0.92 5.69
CA TYR A 182 -1.81 0.18 6.88
C TYR A 182 -2.87 0.88 7.71
N LEU A 183 -3.73 0.06 8.38
CA LEU A 183 -4.93 0.58 9.00
C LEU A 183 -5.12 0.13 10.43
N ASN A 184 -4.06 -0.21 11.15
CA ASN A 184 -4.23 -0.87 12.44
C ASN A 184 -3.91 0.05 13.60
N PRO A 185 -4.93 0.57 14.29
CA PRO A 185 -4.67 1.54 15.36
C PRO A 185 -4.13 0.87 16.61
N ASN A 186 -3.26 1.59 17.30
CA ASN A 186 -2.75 1.12 18.57
C ASN A 186 -2.22 -0.32 18.46
N TRP A 187 -1.49 -0.60 17.38
CA TRP A 187 -0.96 -1.93 17.11
C TRP A 187 0.42 -2.06 17.68
N ASN A 188 0.56 -2.91 18.67
CA ASN A 188 1.86 -3.25 19.25
C ASN A 188 2.21 -4.64 18.75
N SER A 189 3.18 -4.73 17.84
CA SER A 189 3.50 -6.02 17.24
C SER A 189 4.07 -7.04 18.22
N GLN A 190 4.63 -6.60 19.33
CA GLN A 190 5.08 -7.56 20.33
C GLN A 190 3.92 -8.38 20.85
N ASP A 191 2.72 -7.79 20.89
CA ASP A 191 1.49 -8.48 21.28
C ASP A 191 0.66 -9.00 20.10
N CYS A 192 0.60 -8.25 19.00
CA CYS A 192 -0.29 -8.51 17.90
CA CYS A 192 -0.30 -8.65 17.95
C CYS A 192 0.36 -9.27 16.75
N GLY A 193 1.68 -9.36 16.74
CA GLY A 193 2.39 -9.91 15.59
C GLY A 193 2.20 -9.09 14.33
N GLY A 194 2.21 -9.77 13.18
CA GLY A 194 1.85 -9.10 11.95
C GLY A 194 2.85 -8.13 11.37
N GLN A 195 4.11 -8.16 11.77
CA GLN A 195 5.10 -7.31 11.09
C GLN A 195 5.27 -7.76 9.66
N LEU A 196 5.59 -6.81 8.79
CA LEU A 196 6.15 -7.13 7.49
CA LEU A 196 6.15 -7.11 7.47
C LEU A 196 7.66 -7.22 7.64
N TRP A 197 8.24 -8.35 7.23
CA TRP A 197 9.70 -8.51 7.20
C TRP A 197 10.14 -8.45 5.76
N LEU A 198 10.93 -7.41 5.43
CA LEU A 198 11.40 -7.13 4.09
C LEU A 198 12.88 -7.44 4.00
N TYR A 199 13.31 -8.01 2.87
CA TYR A 199 14.70 -8.44 2.71
C TYR A 199 15.29 -7.68 1.53
N PRO A 200 15.66 -6.40 1.71
CA PRO A 200 16.10 -5.61 0.56
C PRO A 200 17.25 -6.28 -0.17
N ASN A 201 17.14 -6.33 -1.50
CA ASN A 201 18.14 -6.90 -2.38
C ASN A 201 18.41 -8.36 -2.08
N ASN A 202 17.44 -9.01 -1.44
CA ASN A 202 17.55 -10.42 -1.07
C ASN A 202 18.86 -10.72 -0.37
N GLU A 203 19.37 -9.76 0.41
CA GLU A 203 20.60 -9.93 1.15
C GLU A 203 20.29 -10.42 2.56
N ASN A 204 21.26 -10.33 3.47
CA ASN A 204 21.10 -10.86 4.81
C ASN A 204 20.32 -9.93 5.74
N LYS A 205 20.21 -8.65 5.40
CA LYS A 205 19.56 -7.68 6.28
C LYS A 205 18.05 -7.82 6.18
N VAL A 206 17.38 -7.89 7.33
CA VAL A 206 15.93 -7.83 7.39
C VAL A 206 15.52 -6.46 7.89
N VAL A 207 14.48 -5.90 7.29
CA VAL A 207 13.85 -4.68 7.75
C VAL A 207 12.47 -5.05 8.27
N LYS A 208 12.23 -4.77 9.55
CA LYS A 208 11.00 -5.18 10.24
C LYS A 208 10.11 -3.97 10.35
N ILE A 209 8.92 -4.05 9.77
CA ILE A 209 8.03 -2.91 9.63
C ILE A 209 6.70 -3.21 10.31
N ASP A 210 6.32 -2.38 11.27
CA ASP A 210 5.05 -2.54 11.94
C ASP A 210 3.92 -2.02 11.06
N PRO A 211 2.75 -2.70 11.05
CA PRO A 211 1.64 -2.32 10.15
C PRO A 211 0.75 -1.25 10.78
N ILE A 212 1.35 -0.14 11.14
CA ILE A 212 0.66 0.84 11.96
C ILE A 212 -0.27 1.75 11.15
N PHE A 213 -1.29 2.19 11.84
CA PHE A 213 -2.33 3.05 11.28
C PHE A 213 -1.74 4.24 10.54
N ASP A 214 -2.20 4.45 9.31
CA ASP A 214 -1.91 5.60 8.49
C ASP A 214 -0.47 5.61 7.95
N ARG A 215 0.20 4.47 8.00
CA ARG A 215 1.52 4.33 7.41
C ARG A 215 1.42 3.84 5.97
N LEU A 216 2.14 4.48 5.07
CA LEU A 216 2.26 4.10 3.68
C LEU A 216 3.66 3.50 3.47
N LEU A 217 3.73 2.38 2.76
CA LEU A 217 4.98 1.73 2.41
C LEU A 217 5.03 1.46 0.91
N LEU A 218 6.11 1.83 0.27
CA LEU A 218 6.32 1.58 -1.15
C LEU A 218 7.59 0.75 -1.31
N PHE A 219 7.58 -0.19 -2.25
CA PHE A 219 8.80 -0.94 -2.56
C PHE A 219 8.72 -1.52 -3.97
N TRP A 220 9.89 -1.74 -4.60
CA TRP A 220 9.92 -2.39 -5.90
C TRP A 220 9.30 -3.77 -5.77
N SER A 221 8.41 -4.14 -6.69
CA SER A 221 7.66 -5.39 -6.60
C SER A 221 8.45 -6.62 -7.03
N ASP A 222 9.55 -6.44 -7.75
CA ASP A 222 10.28 -7.56 -8.33
C ASP A 222 11.18 -8.24 -7.30
N ARG A 223 12.11 -9.06 -7.80
CA ARG A 223 12.89 -9.92 -6.92
C ARG A 223 13.83 -9.15 -6.00
N ARG A 224 13.97 -7.85 -6.21
CA ARG A 224 14.75 -7.05 -5.27
C ARG A 224 14.17 -7.06 -3.85
N ASN A 225 12.88 -7.35 -3.67
CA ASN A 225 12.25 -7.21 -2.35
C ASN A 225 11.39 -8.42 -1.98
N PRO A 226 12.01 -9.56 -1.70
CA PRO A 226 11.27 -10.61 -1.01
C PRO A 226 10.78 -10.10 0.33
N HIS A 227 9.61 -10.58 0.76
CA HIS A 227 9.04 -10.13 2.02
C HIS A 227 8.04 -11.16 2.55
N GLU A 228 7.74 -11.08 3.85
CA GLU A 228 6.79 -11.98 4.47
CA GLU A 228 6.85 -12.01 4.54
C GLU A 228 5.95 -11.21 5.49
N VAL A 229 4.69 -11.62 5.60
CA VAL A 229 3.79 -11.10 6.64
C VAL A 229 3.85 -12.11 7.76
N LYS A 230 4.42 -11.69 8.89
CA LYS A 230 4.56 -12.59 10.01
C LYS A 230 3.18 -12.83 10.65
N PRO A 231 3.02 -13.97 11.33
CA PRO A 231 1.69 -14.35 11.86
C PRO A 231 1.05 -13.22 12.66
N ALA A 232 -0.23 -13.01 12.40
CA ALA A 232 -1.04 -12.03 13.11
C ALA A 232 -1.90 -12.68 14.17
N TYR A 233 -2.01 -11.99 15.32
CA TYR A 233 -2.76 -12.47 16.48
C TYR A 233 -3.95 -11.59 16.79
N ALA A 234 -4.23 -10.64 15.92
CA ALA A 234 -5.39 -9.76 15.94
C ALA A 234 -5.77 -9.52 14.49
N MET A 235 -6.98 -8.99 14.26
CA MET A 235 -7.40 -8.68 12.89
C MET A 235 -6.49 -7.60 12.33
N ARG A 236 -5.90 -7.86 11.18
CA ARG A 236 -4.88 -6.99 10.59
C ARG A 236 -5.33 -6.52 9.22
N TYR A 237 -5.52 -5.22 9.06
CA TYR A 237 -6.10 -4.64 7.86
C TYR A 237 -5.06 -3.80 7.12
N ALA A 238 -5.11 -3.87 5.80
CA ALA A 238 -4.24 -3.07 4.93
C ALA A 238 -4.86 -2.99 3.55
N ILE A 239 -4.44 -1.99 2.79
CA ILE A 239 -4.82 -1.87 1.39
C ILE A 239 -3.56 -1.86 0.54
N THR A 240 -3.54 -2.65 -0.54
CA THR A 240 -2.43 -2.68 -1.47
C THR A 240 -2.86 -2.11 -2.82
N LEU A 241 -1.98 -1.32 -3.42
CA LEU A 241 -2.09 -0.87 -4.80
C LEU A 241 -0.81 -1.27 -5.50
N TRP A 242 -0.89 -1.91 -6.65
CA TRP A 242 0.30 -2.16 -7.46
C TRP A 242 0.26 -1.31 -8.71
N TYR A 243 1.34 -0.59 -8.93
CA TYR A 243 1.49 0.25 -10.11
C TYR A 243 2.24 -0.49 -11.21
N PHE A 244 1.78 -0.32 -12.45
CA PHE A 244 2.32 -1.05 -13.59
C PHE A 244 3.43 -0.27 -14.28
N ASP A 245 4.40 -1.00 -14.83
CA ASP A 245 5.27 -0.50 -15.89
C ASP A 245 4.59 -0.84 -17.20
N GLU A 246 4.20 0.19 -17.95
CA GLU A 246 3.38 -0.01 -19.13
CA GLU A 246 3.38 -0.02 -19.13
C GLU A 246 4.01 -1.00 -20.10
N LYS A 247 5.33 -0.95 -20.29
CA LYS A 247 5.91 -1.84 -21.28
CA LYS A 247 6.02 -1.84 -21.24
C LYS A 247 5.85 -3.29 -20.80
N GLU A 248 6.12 -3.56 -19.52
CA GLU A 248 6.05 -4.91 -19.04
C GLU A 248 4.61 -5.40 -18.94
N ARG A 249 3.68 -4.51 -18.58
CA ARG A 249 2.31 -4.97 -18.38
CA ARG A 249 2.28 -4.89 -18.39
C ARG A 249 1.69 -5.41 -19.68
N ALA A 250 2.16 -4.89 -20.81
CA ALA A 250 1.64 -5.32 -22.08
C ALA A 250 1.77 -6.83 -22.23
N LEU A 251 2.87 -7.39 -21.74
CA LEU A 251 3.15 -8.80 -21.99
C LEU A 251 2.01 -9.72 -21.56
N SER A 252 1.21 -9.32 -20.56
CA SER A 252 0.18 -10.20 -19.98
C SER A 252 -1.18 -9.50 -20.00
C ACT B . -1.31 13.50 1.35
O ACT B . -0.05 13.61 1.44
OXT ACT B . -2.17 13.42 2.29
CH3 ACT B . -1.89 13.45 -0.09
C ACT C . 0.64 -9.87 -1.08
O ACT C . 1.62 -9.85 -1.80
OXT ACT C . 0.51 -9.56 0.18
CH3 ACT C . -0.60 -10.43 -1.87
C ACT D . 1.52 -6.50 4.18
O ACT D . 2.27 -6.02 4.99
OXT ACT D . 0.32 -6.77 4.29
CH3 ACT D . 2.16 -6.84 2.83
C1 GOL E . 8.29 -10.52 16.08
O1 GOL E . 8.66 -9.67 17.11
C2 GOL E . 6.81 -10.18 15.78
O2 GOL E . 6.44 -8.99 16.37
C3 GOL E . 6.72 -10.13 14.24
O3 GOL E . 5.41 -9.98 13.88
MN MN F . 3.59 -9.29 -1.10
#